data_4NVS
#
_entry.id   4NVS
#
_cell.length_a   50.388
_cell.length_b   52.168
_cell.length_c   135.947
_cell.angle_alpha   90.000
_cell.angle_beta   90.000
_cell.angle_gamma   90.000
#
_symmetry.space_group_name_H-M   'P 21 21 21'
#
loop_
_entity.id
_entity.type
_entity.pdbx_description
1 polymer 'Putative enzyme, glyoxalase family'
2 water water
#
_entity_poly.entity_id   1
_entity_poly.type   'polypeptide(L)'
_entity_poly.pdbx_seq_one_letter_code
;(MSE)KFLNVLIVVEDIEKSKKFYYDVLGLKVICDFGENVVLEGNISLQEKKLWLEFINKSDSEVKFNGNDAELYFEEDN
FDTFVERLST(MSE)KDIDYVHLAIEHRWGQRAIRFYDLDGHIIEVGET(MSE)SSVCRRFLDSGLSIDEVAKR(MSE)D
VTVEYIESVLELEHHHHHH
;
_entity_poly.pdbx_strand_id   A,B
#
# COMPACT_ATOMS: atom_id res chain seq x y z
N LYS A 2 -5.78 -11.70 -3.49
CA LYS A 2 -6.50 -10.56 -2.95
C LYS A 2 -5.48 -9.69 -2.26
N PHE A 3 -5.44 -8.43 -2.66
CA PHE A 3 -4.52 -7.49 -2.04
C PHE A 3 -5.13 -7.07 -0.72
N LEU A 4 -4.37 -7.25 0.36
CA LEU A 4 -4.86 -6.93 1.69
C LEU A 4 -4.14 -5.84 2.47
N ASN A 5 -2.81 -5.80 2.39
CA ASN A 5 -2.04 -4.86 3.20
C ASN A 5 -0.82 -4.24 2.55
N VAL A 6 -0.58 -2.97 2.83
CA VAL A 6 0.67 -2.37 2.43
C VAL A 6 1.44 -2.36 3.73
N LEU A 7 2.67 -2.81 3.69
CA LEU A 7 3.47 -2.86 4.89
C LEU A 7 4.59 -1.87 4.75
N ILE A 8 4.84 -1.09 5.78
CA ILE A 8 5.97 -0.17 5.73
C ILE A 8 6.85 -0.46 6.91
N VAL A 9 8.17 -0.47 6.66
CA VAL A 9 9.13 -0.76 7.72
C VAL A 9 9.51 0.51 8.46
N VAL A 10 9.43 0.44 9.79
CA VAL A 10 9.77 1.56 10.64
C VAL A 10 10.78 1.19 11.71
N GLU A 11 11.54 2.19 12.14
CA GLU A 11 12.57 2.01 13.14
C GLU A 11 11.97 1.82 14.53
N ASP A 12 10.86 2.49 14.79
CA ASP A 12 10.23 2.44 16.10
C ASP A 12 8.70 2.40 16.06
N ILE A 13 8.12 1.23 16.31
CA ILE A 13 6.68 1.06 16.27
C ILE A 13 5.87 2.08 17.07
N GLU A 14 6.23 2.31 18.32
CA GLU A 14 5.46 3.25 19.14
C GLU A 14 5.51 4.71 18.65
N LYS A 15 6.66 5.14 18.13
CA LYS A 15 6.81 6.49 17.62
C LYS A 15 6.02 6.67 16.33
N SER A 16 6.01 5.63 15.49
CA SER A 16 5.29 5.73 14.23
C SER A 16 3.79 5.74 14.47
N LYS A 17 3.34 4.91 15.41
CA LYS A 17 1.92 4.84 15.75
C LYS A 17 1.49 6.23 16.18
N LYS A 18 2.37 6.88 16.92
CA LYS A 18 2.09 8.21 17.42
C LYS A 18 2.10 9.21 16.29
N PHE A 19 3.08 9.09 15.41
CA PHE A 19 3.17 9.99 14.27
C PHE A 19 1.93 9.88 13.41
N TYR A 20 1.56 8.65 13.06
CA TYR A 20 0.38 8.50 12.23
C TYR A 20 -0.87 8.94 12.97
N TYR A 21 -0.86 8.84 14.30
CA TYR A 21 -2.05 9.29 15.01
C TYR A 21 -2.08 10.81 15.17
N ASP A 22 -0.95 11.42 15.52
CA ASP A 22 -0.91 12.85 15.72
C ASP A 22 -1.12 13.65 14.43
N VAL A 23 -0.45 13.20 13.36
CA VAL A 23 -0.50 13.89 12.08
C VAL A 23 -1.71 13.54 11.23
N LEU A 24 -1.91 12.26 10.93
CA LEU A 24 -3.02 11.88 10.08
C LEU A 24 -4.28 11.47 10.84
N GLY A 25 -4.18 11.28 12.15
CA GLY A 25 -5.34 10.90 12.93
C GLY A 25 -5.66 9.43 12.77
N LEU A 26 -4.67 8.68 12.28
CA LEU A 26 -4.81 7.26 12.02
C LEU A 26 -4.68 6.43 13.28
N LYS A 27 -5.69 5.61 13.59
CA LYS A 27 -5.61 4.79 14.79
C LYS A 27 -5.33 3.33 14.45
N VAL A 28 -4.94 2.56 15.45
CA VAL A 28 -4.67 1.15 15.28
C VAL A 28 -5.96 0.34 15.27
N ILE A 29 -6.00 -0.69 14.44
CA ILE A 29 -7.19 -1.56 14.35
C ILE A 29 -6.82 -3.02 14.61
N CYS A 30 -5.53 -3.29 14.67
CA CYS A 30 -5.06 -4.65 14.94
C CYS A 30 -3.63 -4.56 15.44
N ASP A 31 -3.36 -5.22 16.56
CA ASP A 31 -2.04 -5.17 17.20
C ASP A 31 -1.38 -6.54 17.46
N PHE A 32 -0.17 -6.74 16.90
CA PHE A 32 0.60 -7.96 17.12
C PHE A 32 1.90 -7.55 17.83
N GLY A 33 1.93 -6.30 18.30
CA GLY A 33 3.06 -5.77 19.04
C GLY A 33 4.19 -5.18 18.20
N GLU A 34 4.85 -6.07 17.46
CA GLU A 34 5.98 -5.71 16.59
C GLU A 34 5.48 -5.41 15.17
N ASN A 35 4.21 -5.72 14.95
CA ASN A 35 3.56 -5.49 13.67
C ASN A 35 2.15 -5.02 13.95
N VAL A 36 1.94 -3.72 13.82
CA VAL A 36 0.66 -3.12 14.10
C VAL A 36 -0.03 -2.64 12.81
N VAL A 37 -1.34 -2.85 12.72
CA VAL A 37 -2.10 -2.45 11.53
C VAL A 37 -2.95 -1.21 11.83
N LEU A 38 -2.82 -0.21 10.98
CA LEU A 38 -3.56 1.04 11.11
C LEU A 38 -4.78 1.05 10.22
N GLU A 39 -5.67 2.00 10.44
CA GLU A 39 -6.86 2.15 9.61
C GLU A 39 -6.46 2.24 8.14
N GLY A 40 -7.01 1.37 7.32
CA GLY A 40 -6.67 1.38 5.91
C GLY A 40 -5.82 0.19 5.55
N ASN A 41 -5.52 -0.62 6.57
CA ASN A 41 -4.70 -1.80 6.44
C ASN A 41 -3.27 -1.46 6.10
N ILE A 42 -2.74 -0.47 6.79
CA ILE A 42 -1.35 -0.09 6.61
C ILE A 42 -0.67 -0.75 7.79
N SER A 43 0.23 -1.69 7.50
CA SER A 43 0.92 -2.40 8.55
C SER A 43 2.29 -1.79 8.83
N LEU A 44 2.54 -1.50 10.11
CA LEU A 44 3.83 -0.97 10.54
C LEU A 44 4.63 -2.19 11.00
N GLN A 45 5.87 -2.29 10.51
CA GLN A 45 6.75 -3.40 10.84
C GLN A 45 8.10 -2.93 11.39
N GLU A 46 8.48 -3.45 12.55
CA GLU A 46 9.73 -3.06 13.17
C GLU A 46 10.91 -3.57 12.33
N LYS A 47 11.87 -2.69 12.08
CA LYS A 47 13.02 -3.05 11.27
C LYS A 47 13.83 -4.28 11.69
N LYS A 48 14.30 -4.31 12.93
CA LYS A 48 15.10 -5.45 13.40
C LYS A 48 14.41 -6.78 13.11
N LEU A 49 13.14 -6.87 13.49
CA LEU A 49 12.35 -8.05 13.26
C LEU A 49 12.28 -8.32 11.76
N TRP A 50 12.03 -7.26 11.00
CA TRP A 50 11.96 -7.37 9.56
C TRP A 50 13.22 -8.02 8.97
N LEU A 51 14.40 -7.60 9.47
CA LEU A 51 15.67 -8.16 8.99
C LEU A 51 15.66 -9.68 9.07
N GLU A 52 15.13 -10.22 10.16
CA GLU A 52 15.08 -11.66 10.32
C GLU A 52 14.12 -12.29 9.32
N PHE A 53 12.95 -11.69 9.16
CA PHE A 53 11.93 -12.18 8.25
C PHE A 53 12.34 -12.40 6.80
N ILE A 54 13.01 -11.40 6.22
CA ILE A 54 13.41 -11.48 4.82
C ILE A 54 14.88 -11.85 4.65
N ASN A 55 15.54 -12.07 5.78
CA ASN A 55 16.95 -12.44 5.81
C ASN A 55 17.87 -11.51 5.04
N LYS A 56 18.06 -10.29 5.53
CA LYS A 56 18.95 -9.32 4.90
C LYS A 56 19.67 -8.60 6.05
N SER A 57 20.93 -8.24 5.85
CA SER A 57 21.68 -7.54 6.89
C SER A 57 21.14 -6.11 7.00
N ASP A 58 21.37 -5.46 8.13
CA ASP A 58 20.84 -4.11 8.32
C ASP A 58 21.23 -3.15 7.20
N SER A 59 22.36 -3.41 6.55
CA SER A 59 22.83 -2.55 5.48
C SER A 59 22.01 -2.71 4.20
N GLU A 60 21.36 -3.86 4.05
CA GLU A 60 20.54 -4.15 2.88
C GLU A 60 19.14 -3.53 2.93
N VAL A 61 18.84 -2.77 3.97
CA VAL A 61 17.53 -2.12 4.08
C VAL A 61 17.73 -0.62 4.13
N LYS A 62 17.35 0.03 3.02
CA LYS A 62 17.48 1.47 2.86
C LYS A 62 16.14 2.21 2.95
N PHE A 63 16.18 3.43 3.43
CA PHE A 63 14.99 4.26 3.56
C PHE A 63 15.17 5.51 2.73
N ASN A 64 14.08 6.24 2.54
CA ASN A 64 14.08 7.48 1.78
C ASN A 64 14.37 7.27 0.31
N GLY A 65 14.15 6.06 -0.17
CA GLY A 65 14.39 5.80 -1.59
C GLY A 65 13.40 6.54 -2.47
N ASN A 66 12.37 7.13 -1.88
CA ASN A 66 11.37 7.86 -2.63
C ASN A 66 10.76 7.04 -3.78
N ASP A 67 10.70 5.72 -3.62
CA ASP A 67 10.18 4.88 -4.71
C ASP A 67 8.72 4.45 -4.60
N ALA A 68 7.95 5.10 -3.73
CA ALA A 68 6.57 4.73 -3.52
C ALA A 68 5.93 5.78 -2.64
N GLU A 69 4.62 5.66 -2.42
CA GLU A 69 3.91 6.58 -1.56
C GLU A 69 2.56 6.03 -1.15
N LEU A 70 2.12 6.44 0.02
CA LEU A 70 0.83 6.07 0.56
C LEU A 70 -0.06 7.25 0.22
N TYR A 71 -1.16 6.97 -0.46
CA TYR A 71 -2.05 8.02 -0.92
C TYR A 71 -3.41 8.12 -0.20
N PHE A 72 -3.64 9.30 0.38
CA PHE A 72 -4.85 9.61 1.14
C PHE A 72 -5.65 10.80 0.61
N GLU A 73 -6.94 10.82 0.92
CA GLU A 73 -7.80 11.95 0.58
C GLU A 73 -8.49 12.41 1.86
N GLU A 74 -8.67 13.73 1.98
CA GLU A 74 -9.25 14.34 3.18
C GLU A 74 -10.32 15.39 2.87
N ASP A 75 -11.53 15.18 3.38
CA ASP A 75 -12.65 16.11 3.15
C ASP A 75 -12.29 17.54 3.53
N ASN A 76 -11.78 17.70 4.74
CA ASN A 76 -11.39 19.01 5.25
C ASN A 76 -9.92 19.24 4.97
N PHE A 77 -9.59 19.27 3.69
CA PHE A 77 -8.22 19.42 3.24
C PHE A 77 -7.48 20.66 3.81
N ASP A 78 -8.07 21.83 3.64
CA ASP A 78 -7.42 23.06 4.12
C ASP A 78 -7.12 23.06 5.61
N THR A 79 -8.11 22.69 6.41
CA THR A 79 -7.92 22.67 7.84
C THR A 79 -6.80 21.70 8.20
N PHE A 80 -6.73 20.57 7.50
CA PHE A 80 -5.70 19.60 7.77
C PHE A 80 -4.34 20.21 7.44
N VAL A 81 -4.25 20.80 6.25
CA VAL A 81 -3.01 21.43 5.80
C VAL A 81 -2.55 22.51 6.74
N GLU A 82 -3.48 23.33 7.18
CA GLU A 82 -3.16 24.42 8.07
C GLU A 82 -2.83 23.91 9.49
N ARG A 83 -3.34 22.74 9.86
CA ARG A 83 -3.00 22.21 11.17
C ARG A 83 -1.58 21.68 11.05
N LEU A 84 -1.30 21.13 9.87
CA LEU A 84 0.00 20.56 9.60
C LEU A 84 1.09 21.61 9.62
N SER A 85 0.74 22.84 9.27
CA SER A 85 1.70 23.93 9.19
C SER A 85 2.08 24.44 10.58
N THR A 86 1.20 24.21 11.57
CA THR A 86 1.48 24.64 12.94
C THR A 86 2.39 23.66 13.66
N LYS A 88 5.68 21.03 14.30
CA LYS A 88 7.12 21.07 14.07
C LYS A 88 7.76 19.76 13.64
N ASP A 89 8.79 19.91 12.81
CA ASP A 89 9.58 18.81 12.28
C ASP A 89 8.82 17.95 11.27
N ILE A 90 7.93 18.58 10.51
CA ILE A 90 7.21 17.89 9.46
C ILE A 90 8.11 17.98 8.22
N ASP A 91 8.57 16.83 7.75
CA ASP A 91 9.48 16.73 6.59
C ASP A 91 8.72 16.70 5.27
N TYR A 92 8.47 17.87 4.68
CA TYR A 92 7.74 17.97 3.42
C TYR A 92 8.58 17.50 2.25
N VAL A 93 7.95 16.81 1.30
CA VAL A 93 8.64 16.35 0.12
C VAL A 93 8.79 17.56 -0.77
N HIS A 94 7.72 18.33 -0.83
CA HIS A 94 7.71 19.54 -1.63
C HIS A 94 6.56 20.42 -1.15
N LEU A 95 6.45 21.58 -1.79
CA LEU A 95 5.40 22.54 -1.46
C LEU A 95 4.08 21.97 -1.95
N ALA A 96 2.97 22.40 -1.36
CA ALA A 96 1.65 21.92 -1.79
C ALA A 96 1.47 22.19 -3.28
N ILE A 97 1.10 21.15 -4.04
CA ILE A 97 0.92 21.24 -5.49
C ILE A 97 -0.55 21.15 -5.91
N GLU A 98 -0.79 21.36 -7.20
CA GLU A 98 -2.12 21.22 -7.78
C GLU A 98 -1.93 20.28 -8.94
N HIS A 99 -2.59 19.15 -8.90
CA HIS A 99 -2.47 18.17 -9.97
C HIS A 99 -3.08 18.70 -11.27
N ARG A 100 -2.67 18.10 -12.37
CA ARG A 100 -3.14 18.49 -13.68
C ARG A 100 -4.67 18.51 -13.74
N TRP A 101 -5.31 17.57 -13.07
CA TRP A 101 -6.77 17.49 -13.10
C TRP A 101 -7.50 18.36 -12.08
N GLY A 102 -6.76 19.28 -11.46
CA GLY A 102 -7.36 20.23 -10.54
C GLY A 102 -7.25 20.03 -9.02
N GLN A 103 -6.79 18.84 -8.62
CA GLN A 103 -6.68 18.46 -7.20
C GLN A 103 -5.50 19.01 -6.38
N ARG A 104 -5.79 19.66 -5.26
CA ARG A 104 -4.70 20.14 -4.43
C ARG A 104 -4.28 18.98 -3.55
N ALA A 105 -2.98 18.90 -3.24
CA ALA A 105 -2.43 17.83 -2.43
C ALA A 105 -1.08 18.27 -1.87
N ILE A 106 -0.67 17.64 -0.76
CA ILE A 106 0.62 17.92 -0.14
C ILE A 106 1.28 16.58 0.05
N ARG A 107 2.61 16.57 0.13
CA ARG A 107 3.37 15.35 0.35
C ARG A 107 4.44 15.62 1.39
N PHE A 108 4.54 14.71 2.34
CA PHE A 108 5.51 14.75 3.42
C PHE A 108 5.90 13.33 3.81
N TYR A 109 7.01 13.21 4.52
CA TYR A 109 7.51 11.92 4.97
C TYR A 109 7.01 11.57 6.35
N ASP A 110 7.02 10.28 6.65
CA ASP A 110 6.64 9.85 7.97
C ASP A 110 7.99 9.84 8.70
N LEU A 111 8.09 9.09 9.80
CA LEU A 111 9.33 9.06 10.55
C LEU A 111 10.43 8.28 9.88
N ASP A 112 10.07 7.47 8.89
CA ASP A 112 11.06 6.62 8.25
C ASP A 112 11.25 6.79 6.75
N GLY A 113 11.10 8.01 6.24
CA GLY A 113 11.33 8.24 4.83
C GLY A 113 10.25 7.76 3.87
N HIS A 114 9.14 7.30 4.41
CA HIS A 114 8.04 6.85 3.57
C HIS A 114 7.23 8.08 3.21
N ILE A 115 6.89 8.20 1.93
CA ILE A 115 6.13 9.33 1.42
C ILE A 115 4.62 9.19 1.60
N ILE A 116 4.03 10.23 2.17
CA ILE A 116 2.60 10.28 2.36
C ILE A 116 2.05 11.42 1.53
N GLU A 117 1.00 11.15 0.77
CA GLU A 117 0.33 12.21 0.02
C GLU A 117 -1.13 12.24 0.45
N VAL A 118 -1.60 13.42 0.79
CA VAL A 118 -2.99 13.58 1.12
C VAL A 118 -3.47 14.73 0.28
N GLY A 119 -4.54 14.48 -0.45
CA GLY A 119 -5.09 15.48 -1.32
C GLY A 119 -6.57 15.70 -1.06
N GLU A 120 -7.15 16.66 -1.76
CA GLU A 120 -8.56 16.96 -1.64
C GLU A 120 -9.29 15.71 -2.09
N THR A 121 -10.52 15.53 -1.65
CA THR A 121 -11.27 14.38 -2.12
C THR A 121 -11.59 14.69 -3.57
N SER A 123 -14.28 14.09 -5.32
CA SER A 123 -15.64 14.62 -5.40
C SER A 123 -15.69 16.12 -5.09
N SER A 124 -14.76 16.62 -4.30
CA SER A 124 -14.77 18.02 -3.98
C SER A 124 -14.11 18.83 -5.10
N VAL A 125 -13.16 18.23 -5.79
CA VAL A 125 -12.52 18.90 -6.91
C VAL A 125 -13.60 19.07 -7.97
N CYS A 126 -14.29 17.98 -8.27
CA CYS A 126 -15.35 17.99 -9.26
C CYS A 126 -16.42 19.05 -8.94
N ARG A 127 -16.92 19.03 -7.71
CA ARG A 127 -17.95 19.97 -7.30
C ARG A 127 -17.45 21.41 -7.46
N ARG A 128 -16.17 21.63 -7.16
CA ARG A 128 -15.60 22.94 -7.30
C ARG A 128 -15.74 23.45 -8.74
N PHE A 129 -15.38 22.57 -9.69
CA PHE A 129 -15.45 22.89 -11.11
C PHE A 129 -16.87 23.12 -11.60
N LEU A 130 -17.80 22.35 -11.04
CA LEU A 130 -19.19 22.45 -11.42
C LEU A 130 -19.85 23.73 -10.93
N ASP A 131 -19.25 24.33 -9.91
CA ASP A 131 -19.81 25.54 -9.34
C ASP A 131 -19.24 26.80 -9.99
N SER A 132 -18.06 26.71 -10.59
CA SER A 132 -17.47 27.87 -11.24
C SER A 132 -18.15 28.09 -12.59
N GLY A 133 -19.10 27.24 -12.91
CA GLY A 133 -19.86 27.40 -14.14
C GLY A 133 -19.73 26.32 -15.21
N LEU A 134 -18.79 25.39 -15.03
CA LEU A 134 -18.59 24.33 -16.02
C LEU A 134 -19.72 23.30 -16.05
N SER A 135 -19.97 22.77 -17.24
CA SER A 135 -20.97 21.72 -17.39
C SER A 135 -20.32 20.47 -16.90
N ILE A 136 -21.11 19.44 -16.70
CA ILE A 136 -20.58 18.16 -16.25
C ILE A 136 -19.73 17.54 -17.36
N ASP A 137 -20.13 17.73 -18.61
CA ASP A 137 -19.37 17.18 -19.71
C ASP A 137 -18.05 17.90 -19.81
N GLU A 138 -18.07 19.20 -19.52
CA GLU A 138 -16.87 20.00 -19.60
C GLU A 138 -15.90 19.58 -18.49
N VAL A 139 -16.43 19.41 -17.28
CA VAL A 139 -15.61 18.99 -16.17
C VAL A 139 -14.89 17.69 -16.49
N ALA A 140 -15.64 16.72 -17.02
CA ALA A 140 -15.07 15.42 -17.36
C ALA A 140 -13.91 15.58 -18.34
N LYS A 141 -14.02 16.54 -19.25
CA LYS A 141 -12.95 16.79 -20.23
C LYS A 141 -11.80 17.55 -19.56
N ARG A 142 -12.15 18.44 -18.64
CA ARG A 142 -11.16 19.24 -17.92
C ARG A 142 -10.23 18.34 -17.10
N ASP A 144 -9.68 14.95 -17.78
CA ASP A 144 -9.27 13.78 -18.55
C ASP A 144 -9.99 12.51 -18.09
N VAL A 145 -11.27 12.61 -17.74
CA VAL A 145 -12.03 11.43 -17.31
C VAL A 145 -13.43 11.42 -17.91
N THR A 146 -14.14 10.31 -17.69
CA THR A 146 -15.49 10.15 -18.24
C THR A 146 -16.58 10.65 -17.30
N VAL A 147 -17.73 10.98 -17.87
CA VAL A 147 -18.85 11.48 -17.09
C VAL A 147 -19.37 10.38 -16.16
N GLU A 148 -19.18 9.12 -16.56
CA GLU A 148 -19.57 8.00 -15.71
C GLU A 148 -18.84 8.13 -14.39
N TYR A 149 -17.53 8.32 -14.47
CA TYR A 149 -16.69 8.44 -13.30
C TYR A 149 -17.17 9.54 -12.35
N ILE A 150 -17.31 10.74 -12.89
CA ILE A 150 -17.73 11.87 -12.08
C ILE A 150 -19.04 11.65 -11.32
N GLU A 151 -19.99 10.96 -11.95
CA GLU A 151 -21.26 10.71 -11.29
C GLU A 151 -21.16 9.78 -10.09
N SER A 152 -20.16 8.90 -10.10
CA SER A 152 -19.98 7.98 -8.98
C SER A 152 -19.50 8.74 -7.76
N VAL A 153 -18.34 9.38 -7.89
CA VAL A 153 -17.76 10.15 -6.80
C VAL A 153 -18.69 11.20 -6.24
N LEU A 154 -19.58 11.75 -7.07
CA LEU A 154 -20.48 12.79 -6.57
C LEU A 154 -21.59 12.26 -5.67
N GLU A 155 -21.68 10.95 -5.57
CA GLU A 155 -22.66 10.34 -4.67
C GLU A 155 -21.90 9.80 -3.46
N LEU A 156 -20.89 10.53 -3.04
CA LEU A 156 -20.06 10.13 -1.91
C LEU A 156 -19.77 11.35 -1.03
N LYS B 2 -8.92 9.31 4.47
CA LYS B 2 -9.26 8.00 3.98
C LYS B 2 -8.08 7.49 3.17
N PHE B 3 -7.60 6.31 3.52
CA PHE B 3 -6.49 5.74 2.77
C PHE B 3 -7.08 5.09 1.53
N LEU B 4 -6.58 5.52 0.37
CA LEU B 4 -7.11 5.02 -0.89
C LEU B 4 -6.18 4.21 -1.78
N ASN B 5 -4.93 4.64 -1.89
CA ASN B 5 -3.98 4.00 -2.80
C ASN B 5 -2.54 3.84 -2.32
N VAL B 6 -1.95 2.71 -2.69
CA VAL B 6 -0.52 2.53 -2.47
C VAL B 6 0.05 2.71 -3.87
N LEU B 7 1.00 3.61 -3.98
CA LEU B 7 1.60 3.88 -5.26
C LEU B 7 3.01 3.34 -5.27
N ILE B 8 3.36 2.64 -6.34
CA ILE B 8 4.72 2.15 -6.44
C ILE B 8 5.30 2.72 -7.71
N VAL B 9 6.56 3.12 -7.66
CA VAL B 9 7.20 3.71 -8.82
C VAL B 9 7.87 2.64 -9.67
N VAL B 10 7.58 2.64 -10.97
CA VAL B 10 8.17 1.65 -11.85
C VAL B 10 8.86 2.30 -13.04
N GLU B 11 9.84 1.59 -13.57
CA GLU B 11 10.63 2.09 -14.68
C GLU B 11 9.86 2.04 -15.98
N ASP B 12 8.98 1.06 -16.11
CA ASP B 12 8.23 0.86 -17.35
C ASP B 12 6.81 0.39 -17.10
N ILE B 13 5.86 1.29 -17.30
CA ILE B 13 4.46 0.98 -17.05
C ILE B 13 3.89 -0.26 -17.73
N GLU B 14 4.17 -0.43 -19.01
CA GLU B 14 3.64 -1.58 -19.75
C GLU B 14 4.22 -2.92 -19.30
N LYS B 15 5.50 -2.89 -18.94
CA LYS B 15 6.16 -4.09 -18.48
C LYS B 15 5.66 -4.49 -17.10
N SER B 16 5.40 -3.50 -16.26
CA SER B 16 4.93 -3.79 -14.91
C SER B 16 3.51 -4.32 -14.95
N LYS B 17 2.67 -3.71 -15.78
CA LYS B 17 1.28 -4.14 -15.94
C LYS B 17 1.27 -5.60 -16.35
N LYS B 18 2.21 -5.95 -17.22
CA LYS B 18 2.32 -7.31 -17.71
C LYS B 18 2.80 -8.23 -16.60
N PHE B 19 3.83 -7.79 -15.89
CA PHE B 19 4.37 -8.58 -14.79
C PHE B 19 3.29 -8.87 -13.77
N TYR B 20 2.57 -7.84 -13.37
CA TYR B 20 1.54 -8.06 -12.39
C TYR B 20 0.41 -8.90 -12.96
N TYR B 21 0.24 -8.87 -14.28
CA TYR B 21 -0.83 -9.68 -14.83
C TYR B 21 -0.41 -11.12 -15.01
N ASP B 22 0.78 -11.34 -15.55
CA ASP B 22 1.25 -12.69 -15.78
C ASP B 22 1.48 -13.46 -14.48
N VAL B 23 2.14 -12.81 -13.53
CA VAL B 23 2.50 -13.40 -12.25
C VAL B 23 1.35 -13.45 -11.25
N LEU B 24 0.79 -12.30 -10.91
CA LEU B 24 -0.26 -12.29 -9.90
C LEU B 24 -1.66 -12.38 -10.44
N GLY B 25 -1.83 -12.18 -11.74
CA GLY B 25 -3.17 -12.24 -12.31
C GLY B 25 -3.91 -10.94 -12.09
N LEU B 26 -3.16 -9.91 -11.69
CA LEU B 26 -3.74 -8.61 -11.42
C LEU B 26 -4.05 -7.81 -12.67
N LYS B 27 -5.30 -7.38 -12.84
CA LYS B 27 -5.64 -6.60 -14.03
C LYS B 27 -5.86 -5.13 -13.71
N VAL B 28 -5.83 -4.29 -14.74
CA VAL B 28 -6.02 -2.86 -14.58
C VAL B 28 -7.49 -2.54 -14.36
N ILE B 29 -7.76 -1.53 -13.53
CA ILE B 29 -9.13 -1.12 -13.26
C ILE B 29 -9.31 0.37 -13.53
N CYS B 30 -8.20 1.07 -13.75
CA CYS B 30 -8.26 2.49 -14.08
C CYS B 30 -6.95 2.87 -14.78
N ASP B 31 -7.06 3.60 -15.89
CA ASP B 31 -5.89 3.96 -16.67
C ASP B 31 -5.77 5.46 -16.98
N PHE B 32 -4.64 6.05 -16.60
CA PHE B 32 -4.34 7.45 -16.88
C PHE B 32 -3.10 7.48 -17.77
N GLY B 33 -2.72 6.30 -18.25
CA GLY B 33 -1.56 6.16 -19.13
C GLY B 33 -0.21 6.01 -18.46
N GLU B 34 0.22 7.09 -17.80
CA GLU B 34 1.50 7.13 -17.09
C GLU B 34 1.31 6.71 -15.62
N ASN B 35 0.06 6.61 -15.23
CA ASN B 35 -0.31 6.20 -13.88
C ASN B 35 -1.49 5.25 -14.02
N VAL B 36 -1.25 3.97 -13.81
CA VAL B 36 -2.30 2.98 -13.96
C VAL B 36 -2.63 2.34 -12.60
N VAL B 37 -3.93 2.10 -12.36
CA VAL B 37 -4.36 1.49 -11.10
C VAL B 37 -4.80 0.04 -11.33
N LEU B 38 -4.22 -0.86 -10.53
CA LEU B 38 -4.49 -2.28 -10.60
C LEU B 38 -5.50 -2.66 -9.56
N GLU B 39 -6.03 -3.88 -9.68
CA GLU B 39 -7.00 -4.38 -8.72
C GLU B 39 -6.40 -4.28 -7.32
N GLY B 40 -7.13 -3.68 -6.40
CA GLY B 40 -6.64 -3.53 -5.05
C GLY B 40 -6.23 -2.10 -4.79
N ASN B 41 -6.30 -1.28 -5.83
CA ASN B 41 -5.91 0.12 -5.76
C ASN B 41 -4.41 0.29 -5.62
N ILE B 42 -3.66 -0.49 -6.39
CA ILE B 42 -2.22 -0.40 -6.41
C ILE B 42 -1.94 0.45 -7.62
N SER B 43 -1.36 1.62 -7.43
CA SER B 43 -1.10 2.50 -8.55
C SER B 43 0.34 2.38 -9.02
N LEU B 44 0.49 2.15 -10.32
CA LEU B 44 1.82 2.07 -10.91
C LEU B 44 2.14 3.47 -11.44
N GLN B 45 3.33 3.96 -11.13
CA GLN B 45 3.73 5.30 -11.55
C GLN B 45 5.06 5.28 -12.27
N GLU B 46 5.10 5.89 -13.45
CA GLU B 46 6.33 5.92 -14.24
C GLU B 46 7.36 6.81 -13.54
N LYS B 47 8.60 6.35 -13.47
CA LYS B 47 9.65 7.07 -12.78
C LYS B 47 9.93 8.49 -13.26
N LYS B 48 10.24 8.63 -14.54
CA LYS B 48 10.53 9.95 -15.11
C LYS B 48 9.50 11.01 -14.70
N LEU B 49 8.24 10.66 -14.91
CA LEU B 49 7.14 11.53 -14.56
C LEU B 49 7.19 11.79 -13.05
N TRP B 50 7.38 10.71 -12.28
CA TRP B 50 7.44 10.81 -10.84
C TRP B 50 8.47 11.86 -10.41
N LEU B 51 9.65 11.84 -11.03
CA LEU B 51 10.70 12.80 -10.71
C LEU B 51 10.20 14.25 -10.75
N GLU B 52 9.36 14.56 -11.73
CA GLU B 52 8.85 15.92 -11.84
C GLU B 52 7.86 16.21 -10.72
N PHE B 53 6.98 15.24 -10.45
CA PHE B 53 5.96 15.40 -9.42
C PHE B 53 6.48 15.76 -8.04
N ILE B 54 7.51 15.05 -7.57
CA ILE B 54 8.05 15.28 -6.24
C ILE B 54 9.34 16.11 -6.26
N ASN B 55 9.73 16.52 -7.46
CA ASN B 55 10.92 17.34 -7.65
C ASN B 55 12.21 16.80 -7.03
N LYS B 56 12.68 15.67 -7.55
CA LYS B 56 13.90 15.05 -7.08
C LYS B 56 14.68 14.60 -8.34
N SER B 57 16.01 14.68 -8.29
CA SER B 57 16.81 14.26 -9.43
C SER B 57 16.76 12.74 -9.49
N ASP B 58 17.01 12.17 -10.67
CA ASP B 58 16.96 10.72 -10.82
C ASP B 58 17.80 9.95 -9.79
N SER B 59 18.84 10.61 -9.27
CA SER B 59 19.71 9.99 -8.29
C SER B 59 19.05 9.88 -6.92
N GLU B 60 18.08 10.75 -6.66
CA GLU B 60 17.37 10.76 -5.38
C GLU B 60 16.26 9.70 -5.28
N VAL B 61 16.12 8.86 -6.31
CA VAL B 61 15.11 7.82 -6.26
C VAL B 61 15.78 6.45 -6.35
N LYS B 62 15.81 5.76 -5.22
CA LYS B 62 16.41 4.43 -5.11
C LYS B 62 15.39 3.30 -5.07
N PHE B 63 15.79 2.13 -5.55
CA PHE B 63 14.91 0.97 -5.55
C PHE B 63 15.57 -0.14 -4.78
N ASN B 64 14.80 -1.19 -4.48
CA ASN B 64 15.29 -2.33 -3.74
C ASN B 64 15.69 -1.99 -2.31
N GLY B 65 15.14 -0.90 -1.79
CA GLY B 65 15.45 -0.53 -0.42
C GLY B 65 14.93 -1.55 0.59
N ASN B 66 14.09 -2.47 0.12
CA ASN B 66 13.49 -3.51 0.96
C ASN B 66 12.79 -2.92 2.18
N ASP B 67 12.25 -1.71 2.07
CA ASP B 67 11.64 -1.03 3.22
C ASP B 67 10.11 -1.08 3.31
N ALA B 68 9.48 -1.96 2.54
CA ALA B 68 8.04 -2.07 2.53
C ALA B 68 7.68 -3.28 1.71
N GLU B 69 6.40 -3.63 1.67
CA GLU B 69 5.95 -4.77 0.89
C GLU B 69 4.45 -4.72 0.63
N LEU B 70 4.03 -5.28 -0.49
CA LEU B 70 2.62 -5.35 -0.82
C LEU B 70 2.21 -6.76 -0.39
N TYR B 71 1.16 -6.83 0.42
CA TYR B 71 0.74 -8.11 0.97
C TYR B 71 -0.57 -8.67 0.41
N PHE B 72 -0.49 -9.89 -0.12
CA PHE B 72 -1.61 -10.59 -0.73
C PHE B 72 -1.88 -11.95 -0.12
N GLU B 73 -3.12 -12.42 -0.30
CA GLU B 73 -3.49 -13.76 0.13
C GLU B 73 -4.15 -14.44 -1.06
N GLU B 74 -3.90 -15.74 -1.19
CA GLU B 74 -4.38 -16.53 -2.32
C GLU B 74 -5.00 -17.87 -1.90
N ASP B 75 -6.26 -18.09 -2.26
CA ASP B 75 -6.95 -19.34 -1.90
C ASP B 75 -6.21 -20.56 -2.36
N ASN B 76 -5.81 -20.56 -3.64
CA ASN B 76 -5.08 -21.69 -4.21
C ASN B 76 -3.61 -21.44 -4.12
N PHE B 77 -3.13 -21.31 -2.89
CA PHE B 77 -1.73 -21.01 -2.63
C PHE B 77 -0.71 -21.93 -3.31
N ASP B 78 -0.82 -23.23 -3.07
CA ASP B 78 0.10 -24.19 -3.66
C ASP B 78 0.20 -24.11 -5.17
N THR B 79 -0.95 -24.11 -5.82
CA THR B 79 -0.96 -24.05 -7.27
C THR B 79 -0.31 -22.77 -7.75
N PHE B 80 -0.51 -21.68 -7.02
CA PHE B 80 0.10 -20.41 -7.39
C PHE B 80 1.63 -20.51 -7.27
N VAL B 81 2.07 -21.05 -6.13
CA VAL B 81 3.48 -21.22 -5.84
C VAL B 81 4.14 -22.11 -6.86
N GLU B 82 3.48 -23.22 -7.17
CA GLU B 82 4.04 -24.14 -8.14
C GLU B 82 4.00 -23.59 -9.58
N ARG B 83 3.07 -22.66 -9.85
CA ARG B 83 3.05 -22.07 -11.19
C ARG B 83 4.21 -21.09 -11.24
N LEU B 84 4.43 -20.44 -10.11
CA LEU B 84 5.50 -19.48 -9.97
C LEU B 84 6.87 -20.11 -10.14
N SER B 85 6.98 -21.38 -9.77
CA SER B 85 8.25 -22.08 -9.85
C SER B 85 8.61 -22.45 -11.29
N THR B 86 7.61 -22.56 -12.16
CA THR B 86 7.84 -22.91 -13.57
C THR B 86 8.27 -21.70 -14.35
N LYS B 88 10.40 -18.13 -15.34
CA LYS B 88 11.78 -17.69 -15.32
C LYS B 88 11.99 -16.23 -14.95
N ASP B 89 13.12 -16.03 -14.26
CA ASP B 89 13.57 -14.73 -13.81
C ASP B 89 12.72 -14.16 -12.69
N ILE B 90 12.20 -15.03 -11.84
CA ILE B 90 11.42 -14.58 -10.69
C ILE B 90 12.45 -14.34 -9.59
N ASP B 91 12.54 -13.09 -9.14
CA ASP B 91 13.51 -12.68 -8.13
C ASP B 91 12.93 -12.86 -6.72
N TYR B 92 13.15 -14.03 -6.13
CA TYR B 92 12.66 -14.32 -4.79
C TYR B 92 13.45 -13.55 -3.74
N VAL B 93 12.77 -13.17 -2.66
CA VAL B 93 13.43 -12.45 -1.59
C VAL B 93 14.08 -13.50 -0.72
N HIS B 94 13.35 -14.59 -0.55
CA HIS B 94 13.82 -15.73 0.22
C HIS B 94 12.98 -16.95 -0.12
N LEU B 95 13.35 -18.07 0.47
CA LEU B 95 12.64 -19.32 0.26
C LEU B 95 11.28 -19.21 0.93
N ALA B 96 10.30 -20.01 0.48
CA ALA B 96 8.96 -20.00 1.08
C ALA B 96 9.08 -20.27 2.59
N ILE B 97 8.47 -19.41 3.41
CA ILE B 97 8.53 -19.52 4.87
C ILE B 97 7.20 -19.89 5.48
N GLU B 98 7.23 -20.18 6.78
CA GLU B 98 6.01 -20.45 7.52
C GLU B 98 6.03 -19.46 8.67
N HIS B 99 5.02 -18.60 8.72
CA HIS B 99 4.92 -17.62 9.78
C HIS B 99 4.69 -18.29 11.14
N ARG B 100 5.00 -17.55 12.21
CA ARG B 100 4.84 -18.03 13.58
C ARG B 100 3.45 -18.56 13.85
N TRP B 101 2.45 -17.95 13.23
CA TRP B 101 1.07 -18.36 13.45
C TRP B 101 0.58 -19.45 12.51
N GLY B 102 1.49 -20.06 11.76
CA GLY B 102 1.11 -21.18 10.89
C GLY B 102 0.93 -20.97 9.39
N GLN B 103 0.94 -19.72 8.96
CA GLN B 103 0.70 -19.38 7.57
C GLN B 103 1.88 -19.50 6.61
N ARG B 104 1.72 -20.26 5.53
CA ARG B 104 2.78 -20.36 4.54
C ARG B 104 2.68 -19.14 3.64
N ALA B 105 3.83 -18.64 3.19
CA ALA B 105 3.88 -17.47 2.33
C ALA B 105 5.20 -17.43 1.56
N ILE B 106 5.21 -16.77 0.42
CA ILE B 106 6.43 -16.59 -0.37
C ILE B 106 6.61 -15.09 -0.61
N ARG B 107 7.85 -14.68 -0.85
CA ARG B 107 8.15 -13.28 -1.12
C ARG B 107 9.09 -13.16 -2.31
N PHE B 108 8.72 -12.30 -3.25
CA PHE B 108 9.51 -12.06 -4.45
C PHE B 108 9.38 -10.60 -4.87
N TYR B 109 10.28 -10.16 -5.72
CA TYR B 109 10.27 -8.79 -6.19
C TYR B 109 9.48 -8.64 -7.48
N ASP B 110 9.06 -7.41 -7.76
CA ASP B 110 8.37 -7.14 -9.00
C ASP B 110 9.50 -6.71 -9.89
N LEU B 111 9.21 -5.98 -10.95
CA LEU B 111 10.27 -5.54 -11.87
C LEU B 111 11.13 -4.41 -11.35
N ASP B 112 10.68 -3.77 -10.28
CA ASP B 112 11.41 -2.62 -9.75
C ASP B 112 11.83 -2.68 -8.29
N GLY B 113 12.17 -3.86 -7.80
CA GLY B 113 12.64 -3.98 -6.43
C GLY B 113 11.60 -3.91 -5.32
N HIS B 114 10.34 -3.84 -5.70
CA HIS B 114 9.26 -3.77 -4.73
C HIS B 114 8.92 -5.18 -4.29
N ILE B 115 8.84 -5.38 -2.99
CA ILE B 115 8.55 -6.69 -2.42
C ILE B 115 7.08 -7.07 -2.42
N ILE B 116 6.79 -8.27 -2.89
CA ILE B 116 5.45 -8.76 -2.91
C ILE B 116 5.39 -10.00 -2.04
N GLU B 117 4.45 -10.07 -1.12
CA GLU B 117 4.32 -11.27 -0.32
C GLU B 117 2.94 -11.79 -0.59
N VAL B 118 2.83 -13.08 -0.88
CA VAL B 118 1.53 -13.68 -1.04
C VAL B 118 1.54 -14.90 -0.15
N GLY B 119 0.53 -15.04 0.69
CA GLY B 119 0.46 -16.17 1.59
C GLY B 119 -0.89 -16.85 1.53
N GLU B 120 -1.00 -17.96 2.25
CA GLU B 120 -2.25 -18.71 2.32
C GLU B 120 -3.27 -17.77 2.90
N THR B 121 -4.54 -18.00 2.62
CA THR B 121 -5.56 -17.17 3.22
C THR B 121 -5.57 -17.55 4.69
N SER B 123 -8.05 -17.83 6.74
CA SER B 123 -9.12 -18.77 6.98
C SER B 123 -8.72 -20.20 6.67
N SER B 124 -7.80 -20.38 5.75
CA SER B 124 -7.39 -21.73 5.41
C SER B 124 -6.36 -22.25 6.41
N VAL B 125 -5.61 -21.34 7.01
CA VAL B 125 -4.64 -21.74 8.00
C VAL B 125 -5.45 -22.26 9.19
N CYS B 126 -6.47 -21.52 9.59
CA CYS B 126 -7.32 -21.92 10.70
C CYS B 126 -7.90 -23.30 10.47
N ARG B 127 -8.56 -23.46 9.34
CA ARG B 127 -9.18 -24.75 9.04
C ARG B 127 -8.21 -25.91 9.08
N ARG B 128 -6.97 -25.64 8.67
CA ARG B 128 -5.96 -26.67 8.68
C ARG B 128 -5.73 -27.11 10.11
N PHE B 129 -5.69 -26.14 11.02
CA PHE B 129 -5.49 -26.40 12.43
C PHE B 129 -6.67 -27.10 13.08
N LEU B 130 -7.87 -26.66 12.69
CA LEU B 130 -9.09 -27.21 13.24
C LEU B 130 -9.34 -28.64 12.79
N ASP B 131 -8.71 -29.04 11.68
CA ASP B 131 -8.90 -30.39 11.17
C ASP B 131 -7.87 -31.38 11.70
N SER B 132 -6.71 -30.87 12.12
CA SER B 132 -5.70 -31.76 12.68
C SER B 132 -6.08 -32.19 14.10
N GLY B 133 -7.21 -31.66 14.60
CA GLY B 133 -7.71 -32.05 15.92
C GLY B 133 -7.83 -30.97 16.98
N LEU B 134 -7.26 -29.80 16.72
CA LEU B 134 -7.31 -28.70 17.70
C LEU B 134 -8.71 -28.12 17.89
N SER B 135 -8.96 -27.65 19.11
CA SER B 135 -10.23 -27.01 19.41
C SER B 135 -10.10 -25.62 18.87
N ILE B 136 -11.21 -24.92 18.78
CA ILE B 136 -11.19 -23.55 18.29
C ILE B 136 -10.46 -22.66 19.29
N ASP B 137 -10.61 -22.96 20.58
CA ASP B 137 -9.95 -22.16 21.59
C ASP B 137 -8.46 -22.40 21.51
N GLU B 138 -8.11 -23.64 21.20
CA GLU B 138 -6.71 -23.99 21.08
C GLU B 138 -6.10 -23.25 19.89
N VAL B 139 -6.79 -23.30 18.76
CA VAL B 139 -6.31 -22.65 17.56
C VAL B 139 -6.07 -21.18 17.83
N ALA B 140 -7.00 -20.55 18.51
CA ALA B 140 -6.86 -19.14 18.80
C ALA B 140 -5.59 -18.86 19.60
N LYS B 141 -5.23 -19.80 20.47
CA LYS B 141 -4.05 -19.66 21.29
C LYS B 141 -2.80 -20.00 20.48
N ARG B 142 -2.94 -20.98 19.60
CA ARG B 142 -1.86 -21.40 18.74
C ARG B 142 -1.39 -20.25 17.86
N ASP B 144 -1.93 -16.86 18.54
CA ASP B 144 -1.83 -15.59 19.28
C ASP B 144 -2.97 -14.64 18.95
N VAL B 145 -4.16 -15.17 18.72
CA VAL B 145 -5.34 -14.33 18.44
C VAL B 145 -6.58 -14.80 19.17
N THR B 146 -7.63 -13.96 19.12
CA THR B 146 -8.88 -14.26 19.81
C THR B 146 -9.84 -15.11 18.99
N VAL B 147 -10.73 -15.81 19.69
CA VAL B 147 -11.71 -16.66 19.04
C VAL B 147 -12.67 -15.81 18.21
N GLU B 148 -12.85 -14.55 18.61
CA GLU B 148 -13.70 -13.64 17.86
C GLU B 148 -13.15 -13.56 16.46
N TYR B 149 -11.84 -13.30 16.38
CA TYR B 149 -11.18 -13.16 15.09
C TYR B 149 -11.38 -14.37 14.19
N ILE B 150 -11.07 -15.54 14.73
CA ILE B 150 -11.18 -16.77 13.96
C ILE B 150 -12.58 -17.00 13.38
N GLU B 151 -13.61 -16.66 14.13
CA GLU B 151 -14.97 -16.87 13.63
C GLU B 151 -15.33 -15.95 12.47
N SER B 152 -14.71 -14.78 12.41
CA SER B 152 -14.98 -13.85 11.33
C SER B 152 -14.30 -14.27 10.04
N VAL B 153 -13.20 -15.00 10.17
CA VAL B 153 -12.45 -15.45 8.99
C VAL B 153 -13.04 -16.74 8.44
N LEU B 154 -13.60 -17.57 9.31
CA LEU B 154 -14.15 -18.84 8.93
C LEU B 154 -15.38 -18.78 8.00
N GLU B 155 -16.29 -17.83 8.26
CA GLU B 155 -17.52 -17.70 7.52
C GLU B 155 -17.33 -16.79 6.34
N LEU B 156 -16.15 -16.87 5.75
CA LEU B 156 -15.85 -16.05 4.60
C LEU B 156 -15.11 -16.86 3.51
N GLU B 157 -14.64 -18.04 3.88
CA GLU B 157 -13.87 -18.91 2.96
C GLU B 157 -14.68 -19.13 1.69
#